data_8P9P
#
_entry.id   8P9P
#
_cell.length_a   39.510
_cell.length_b   67.780
_cell.length_c   40.210
_cell.angle_alpha   90.000
_cell.angle_beta   93.420
_cell.angle_gamma   90.000
#
_symmetry.space_group_name_H-M   'P 1 21 1'
#
loop_
_entity.id
_entity.type
_entity.pdbx_description
1 polymer 'Beta-lactamase VIM-1'
2 non-polymer 'ZINC ION'
3 non-polymer '3-(2-ethoxy-5-fluoranyl-pyridin-3-yl)-7-propan-2-yl-1~{H}-indole-2-carboxylic acid'
4 water water
#
_entity_poly.entity_id   1
_entity_poly.type   'polypeptide(L)'
_entity_poly.pdbx_seq_one_letter_code
;MLKVISSLLVYMTASVMAVASPLAHSGEPSGEYPTVNEIPVGEVRLYQIADGVWSHIATQSFDGAVYPSNGLIVRDGDEL
LLIDTAWGAKNTAALLAEIEKQIGLPVTRAVSTHFHDDRVGGVDVLRAAGVATYASPSTRRLAEAEGNEIPTHSLEGLSS
SGDAVRFGPVELFYPGAAHSTDNLVVYVPSANVLYGGCAVHELSSTSAGNVADADLAEWPTSVERIQKHYPEAEVVIPGH
GLPGGLDLLQHTANVVKAHKNRSVAE
;
_entity_poly.pdbx_strand_id   A
#
loop_
_chem_comp.id
_chem_comp.type
_chem_comp.name
_chem_comp.formula
XB4 non-polymer '3-(2-ethoxy-5-fluoranyl-pyridin-3-yl)-7-propan-2-yl-1~{H}-indole-2-carboxylic acid' 'C19 H19 F N2 O3'
ZN non-polymer 'ZINC ION' 'Zn 2'
#
# COMPACT_ATOMS: atom_id res chain seq x y z
N SER A 30 0.10 22.22 -1.11
CA SER A 30 0.41 23.00 -2.30
C SER A 30 1.43 22.34 -3.25
N GLY A 31 1.26 21.04 -3.49
N GLY A 31 1.25 21.06 -3.51
CA GLY A 31 2.09 20.32 -4.43
CA GLY A 31 2.09 20.34 -4.43
C GLY A 31 3.13 19.40 -3.80
C GLY A 31 3.17 19.46 -3.83
N GLU A 32 3.55 19.65 -2.56
CA GLU A 32 4.50 18.78 -1.89
C GLU A 32 3.81 17.48 -1.52
N TYR A 33 4.58 16.44 -1.25
CA TYR A 33 3.96 15.17 -0.89
C TYR A 33 3.28 15.34 0.48
N PRO A 34 1.98 14.97 0.63
CA PRO A 34 1.19 15.24 1.86
C PRO A 34 1.79 14.49 3.05
N THR A 35 2.07 15.19 4.20
N THR A 35 1.64 15.10 4.21
CA THR A 35 2.83 14.58 5.33
CA THR A 35 2.13 14.54 5.46
C THR A 35 2.03 14.36 6.63
C THR A 35 1.05 14.77 6.48
N VAL A 36 2.60 13.58 7.61
N VAL A 36 1.19 14.14 7.65
CA VAL A 36 1.80 13.08 8.74
CA VAL A 36 0.21 14.34 8.71
C VAL A 36 1.23 14.23 9.55
C VAL A 36 -0.03 15.80 8.99
N ASN A 37 2.05 15.23 9.86
N ASN A 37 0.96 16.65 8.81
CA ASN A 37 1.54 16.35 10.63
CA ASN A 37 0.75 18.05 9.16
C ASN A 37 0.67 17.29 9.79
C ASN A 37 -0.07 18.83 8.15
N GLU A 38 0.61 17.08 8.48
N GLU A 38 -0.38 18.26 6.98
CA GLU A 38 -0.17 17.93 7.58
CA GLU A 38 -1.09 18.96 5.93
C GLU A 38 -1.56 17.39 7.28
C GLU A 38 -2.39 18.29 5.50
N ILE A 39 -1.86 16.15 7.66
N ILE A 39 -2.78 17.25 6.19
CA ILE A 39 -3.14 15.49 7.36
CA ILE A 39 -4.04 16.58 5.94
C ILE A 39 -3.86 15.18 8.68
C ILE A 39 -4.97 16.96 7.08
N PRO A 40 -5.00 15.80 8.99
N PRO A 40 -6.04 17.69 6.82
CA PRO A 40 -5.70 15.41 10.22
CA PRO A 40 -6.94 18.08 7.89
C PRO A 40 -6.28 14.03 10.05
C PRO A 40 -7.52 16.84 8.55
N VAL A 41 -6.32 13.28 11.14
N VAL A 41 -7.98 16.99 9.80
CA VAL A 41 -6.91 11.97 10.99
CA VAL A 41 -8.48 15.84 10.56
C VAL A 41 -8.37 12.10 10.56
C VAL A 41 -9.60 15.13 9.84
N GLY A 42 -8.77 11.36 9.54
N GLY A 42 -9.44 13.81 9.74
CA GLY A 42 -10.10 11.48 8.95
CA GLY A 42 -10.42 12.93 9.12
C GLY A 42 -10.16 12.09 7.55
C GLY A 42 -10.41 12.92 7.61
N GLU A 43 -9.13 12.80 7.12
N GLU A 43 -9.41 13.52 7.02
CA GLU A 43 -9.13 13.50 5.83
CA GLU A 43 -9.37 13.76 5.59
C GLU A 43 -8.20 12.76 4.89
C GLU A 43 -8.34 12.88 4.89
N VAL A 44 -8.39 12.88 3.56
CA VAL A 44 -7.50 12.15 2.68
C VAL A 44 -7.02 13.10 1.62
N ARG A 45 -5.78 12.88 1.20
N ARG A 45 -5.74 12.95 1.23
CA ARG A 45 -5.20 13.63 0.11
CA ARG A 45 -5.22 13.69 0.10
C ARG A 45 -4.74 12.67 -0.98
C ARG A 45 -4.73 12.72 -0.98
N LEU A 46 -4.78 13.16 -2.22
CA LEU A 46 -4.24 12.44 -3.36
C LEU A 46 -2.98 13.14 -3.86
N TYR A 47 -2.09 12.39 -4.48
CA TYR A 47 -0.88 12.93 -5.05
C TYR A 47 -0.69 12.28 -6.41
N GLN A 48 -0.58 13.11 -7.47
CA GLN A 48 -0.35 12.57 -8.80
C GLN A 48 1.07 12.05 -8.94
N ILE A 49 1.23 10.77 -9.20
CA ILE A 49 2.52 10.14 -9.39
C ILE A 49 2.95 10.12 -10.82
N ALA A 50 2.03 9.84 -11.74
CA ALA A 50 2.29 9.71 -13.16
C ALA A 50 0.94 9.84 -13.85
N ASP A 51 0.94 9.80 -15.17
CA ASP A 51 -0.32 9.82 -15.88
CA ASP A 51 -0.32 9.83 -15.89
C ASP A 51 -1.13 8.60 -15.50
N GLY A 52 -2.34 8.82 -14.98
CA GLY A 52 -3.22 7.74 -14.58
C GLY A 52 -2.80 7.00 -13.32
N VAL A 53 -1.91 7.59 -12.51
CA VAL A 53 -1.46 6.97 -11.28
C VAL A 53 -1.40 8.01 -10.17
N TRP A 54 -2.08 7.75 -9.06
CA TRP A 54 -2.06 8.59 -7.88
C TRP A 54 -1.70 7.75 -6.67
N SER A 55 -1.11 8.38 -5.68
CA SER A 55 -1.18 7.79 -4.35
C SER A 55 -2.26 8.48 -3.57
N HIS A 56 -2.74 7.79 -2.54
CA HIS A 56 -3.62 8.34 -1.56
C HIS A 56 -2.95 8.30 -0.20
N ILE A 57 -3.15 9.34 0.61
CA ILE A 57 -2.48 9.51 1.88
C ILE A 57 -3.53 9.87 2.92
N ALA A 58 -3.46 9.19 4.04
CA ALA A 58 -4.36 9.47 5.15
C ALA A 58 -3.59 9.27 6.46
N THR A 59 -4.20 9.65 7.58
CA THR A 59 -3.61 9.66 8.91
CA THR A 59 -3.58 9.60 8.90
C THR A 59 -4.45 8.75 9.81
N GLN A 60 -3.80 7.98 10.69
CA GLN A 60 -4.55 7.20 11.66
C GLN A 60 -3.76 7.12 12.97
N SER A 61 -4.48 6.98 14.07
N SER A 61 -4.47 6.88 14.05
CA SER A 61 -3.93 6.72 15.40
CA SER A 61 -3.85 6.66 15.34
C SER A 61 -3.91 5.22 15.65
C SER A 61 -3.91 5.19 15.66
N PHE A 62 -2.86 4.73 16.31
CA PHE A 62 -2.73 3.33 16.67
C PHE A 62 -1.86 3.29 17.91
N ASP A 63 -2.35 2.66 18.99
CA ASP A 63 -1.58 2.63 20.22
C ASP A 63 -1.09 3.97 20.68
N GLY A 64 -1.90 5.00 20.45
CA GLY A 64 -1.59 6.33 20.95
C GLY A 64 -0.56 7.08 20.19
N ALA A 65 -0.19 6.64 18.99
CA ALA A 65 0.70 7.38 18.11
C ALA A 65 -0.01 7.58 16.76
N VAL A 66 0.36 8.63 16.05
CA VAL A 66 -0.27 9.02 14.79
C VAL A 66 0.70 8.72 13.65
N TYR A 67 0.18 8.07 12.59
CA TYR A 67 0.97 7.66 11.47
C TYR A 67 0.29 8.05 10.17
N PRO A 68 1.06 8.44 9.14
CA PRO A 68 0.53 8.48 7.79
C PRO A 68 0.56 7.08 7.19
N SER A 69 -0.17 6.92 6.08
N SER A 69 -0.21 6.89 6.11
CA SER A 69 -0.15 5.68 5.31
CA SER A 69 -0.09 5.71 5.30
C SER A 69 -0.60 5.94 3.90
C SER A 69 -0.52 6.01 3.88
N ASN A 70 0.04 5.25 2.95
CA ASN A 70 -0.20 5.39 1.52
C ASN A 70 -1.02 4.25 0.95
N GLY A 71 -1.71 4.50 -0.13
CA GLY A 71 -2.20 3.53 -1.08
C GLY A 71 -2.05 4.04 -2.49
N LEU A 72 -2.62 3.33 -3.46
CA LEU A 72 -2.48 3.66 -4.85
C LEU A 72 -3.83 3.70 -5.52
N ILE A 73 -3.95 4.49 -6.58
CA ILE A 73 -5.09 4.57 -7.47
C ILE A 73 -4.54 4.51 -8.88
N VAL A 74 -5.08 3.62 -9.70
CA VAL A 74 -4.61 3.44 -11.09
C VAL A 74 -5.80 3.51 -12.01
N ARG A 75 -5.74 4.40 -12.99
N ARG A 75 -5.75 4.41 -13.00
CA ARG A 75 -6.79 4.48 -13.97
CA ARG A 75 -6.81 4.50 -13.97
C ARG A 75 -6.84 3.22 -14.83
C ARG A 75 -6.84 3.28 -14.87
N ASP A 76 -8.05 2.77 -15.08
CA ASP A 76 -8.33 1.47 -15.69
C ASP A 76 -9.46 1.79 -16.75
N GLY A 77 -9.07 2.54 -17.79
CA GLY A 77 -10.03 3.11 -18.75
C GLY A 77 -10.92 4.20 -18.21
N ASP A 78 -12.23 3.96 -18.12
CA ASP A 78 -13.12 4.88 -17.46
C ASP A 78 -13.48 4.44 -16.04
N GLU A 79 -12.69 3.54 -15.47
CA GLU A 79 -12.84 3.13 -14.08
C GLU A 79 -11.49 3.28 -13.38
N LEU A 80 -11.51 3.04 -12.09
CA LEU A 80 -10.31 3.09 -11.24
C LEU A 80 -10.12 1.77 -10.50
N LEU A 81 -8.85 1.37 -10.39
CA LEU A 81 -8.39 0.31 -9.51
C LEU A 81 -7.78 0.94 -8.29
N LEU A 82 -8.23 0.55 -7.11
CA LEU A 82 -7.69 1.01 -5.83
C LEU A 82 -6.76 -0.04 -5.25
N ILE A 83 -5.59 0.39 -4.77
CA ILE A 83 -4.69 -0.48 -4.00
C ILE A 83 -4.66 0.05 -2.58
N ASP A 84 -5.19 -0.80 -1.66
CA ASP A 84 -5.21 -0.57 -0.22
C ASP A 84 -6.23 0.46 0.21
N THR A 85 -6.83 0.22 1.37
CA THR A 85 -7.70 1.15 2.02
C THR A 85 -6.91 2.33 2.56
N ALA A 86 -7.63 3.34 3.11
CA ALA A 86 -7.04 4.46 3.77
C ALA A 86 -6.88 4.31 5.29
N TRP A 87 -6.88 3.09 5.77
CA TRP A 87 -6.63 2.78 7.20
C TRP A 87 -7.79 3.25 8.04
N GLY A 88 -8.90 2.55 7.91
CA GLY A 88 -10.04 2.80 8.72
C GLY A 88 -11.29 3.08 7.91
N ALA A 89 -12.44 2.85 8.53
CA ALA A 89 -13.71 3.01 7.85
C ALA A 89 -13.96 4.47 7.46
N LYS A 90 -13.83 5.38 8.42
N LYS A 90 -13.83 5.39 8.40
CA LYS A 90 -14.10 6.78 8.11
CA LYS A 90 -14.12 6.77 8.06
C LYS A 90 -13.09 7.32 7.12
C LYS A 90 -13.07 7.34 7.10
N ASN A 91 -11.81 7.00 7.28
CA ASN A 91 -10.82 7.43 6.32
C ASN A 91 -11.14 6.92 4.92
N THR A 92 -11.60 5.69 4.79
CA THR A 92 -11.90 5.10 3.51
C THR A 92 -13.11 5.73 2.86
N ALA A 93 -14.13 6.07 3.67
CA ALA A 93 -15.24 6.86 3.13
C ALA A 93 -14.73 8.20 2.62
N ALA A 94 -13.84 8.84 3.35
CA ALA A 94 -13.25 10.12 2.92
C ALA A 94 -12.46 9.94 1.66
N LEU A 95 -11.75 8.81 1.53
CA LEU A 95 -11.01 8.50 0.30
C LEU A 95 -11.93 8.48 -0.90
N LEU A 96 -13.04 7.76 -0.80
CA LEU A 96 -13.96 7.68 -1.92
C LEU A 96 -14.46 9.08 -2.29
N ALA A 97 -14.76 9.92 -1.30
CA ALA A 97 -15.23 11.27 -1.58
C ALA A 97 -14.14 12.08 -2.26
N GLU A 98 -12.90 11.95 -1.80
CA GLU A 98 -11.79 12.68 -2.40
C GLU A 98 -11.55 12.26 -3.84
N ILE A 99 -11.68 10.97 -4.14
CA ILE A 99 -11.55 10.47 -5.50
C ILE A 99 -12.66 11.08 -6.36
N GLU A 100 -13.88 11.14 -5.85
CA GLU A 100 -14.97 11.70 -6.64
C GLU A 100 -14.71 13.15 -6.96
N LYS A 101 -14.19 13.90 -5.98
CA LYS A 101 -13.86 15.29 -6.16
C LYS A 101 -12.74 15.51 -7.15
N GLN A 102 -11.64 14.76 -7.05
CA GLN A 102 -10.42 15.03 -7.77
C GLN A 102 -10.34 14.33 -9.09
N ILE A 103 -10.98 13.17 -9.24
CA ILE A 103 -10.82 12.33 -10.42
C ILE A 103 -12.16 12.09 -11.12
N GLY A 104 -13.18 11.76 -10.36
CA GLY A 104 -14.53 11.66 -10.93
C GLY A 104 -14.83 10.40 -11.69
N LEU A 105 -14.04 9.36 -11.55
CA LEU A 105 -14.26 8.08 -12.17
C LEU A 105 -14.58 7.08 -11.09
N PRO A 106 -15.36 6.05 -11.35
CA PRO A 106 -15.78 5.13 -10.28
C PRO A 106 -14.68 4.13 -9.92
N VAL A 107 -14.49 3.92 -8.63
CA VAL A 107 -13.66 2.82 -8.15
C VAL A 107 -14.45 1.54 -8.27
N THR A 108 -13.97 0.59 -9.08
CA THR A 108 -14.72 -0.65 -9.31
C THR A 108 -14.11 -1.83 -8.60
N ARG A 109 -12.80 -1.82 -8.35
CA ARG A 109 -12.10 -2.95 -7.74
C ARG A 109 -11.04 -2.39 -6.82
N ALA A 110 -10.73 -3.16 -5.77
CA ALA A 110 -9.67 -2.85 -4.83
C ALA A 110 -8.90 -4.11 -4.52
N VAL A 111 -7.60 -3.97 -4.37
CA VAL A 111 -6.69 -5.04 -3.91
C VAL A 111 -6.04 -4.55 -2.61
N SER A 112 -6.04 -5.42 -1.61
CA SER A 112 -5.31 -5.17 -0.37
C SER A 112 -4.01 -5.99 -0.40
N THR A 113 -2.91 -5.34 -0.06
CA THR A 113 -1.59 -5.91 -0.27
C THR A 113 -1.03 -6.67 0.95
N HIS A 114 -1.69 -6.58 2.11
CA HIS A 114 -1.49 -7.53 3.18
C HIS A 114 -2.64 -7.34 4.16
N PHE A 115 -2.59 -8.08 5.30
CA PHE A 115 -3.76 -8.23 6.14
C PHE A 115 -3.94 -7.18 7.22
N HIS A 116 -2.97 -6.26 7.42
CA HIS A 116 -3.05 -5.29 8.49
C HIS A 116 -4.12 -4.22 8.19
N ASP A 117 -4.58 -3.56 9.25
N ASP A 117 -4.53 -3.53 9.25
CA ASP A 117 -5.67 -2.59 9.13
CA ASP A 117 -5.63 -2.57 9.18
C ASP A 117 -5.37 -1.38 8.27
C ASP A 117 -5.36 -1.42 8.22
N ASP A 118 -4.10 -1.04 8.03
CA ASP A 118 -3.77 0.00 7.10
C ASP A 118 -3.96 -0.43 5.63
N ARG A 119 -4.29 -1.68 5.39
CA ARG A 119 -4.49 -2.26 4.08
C ARG A 119 -5.92 -2.72 3.84
N VAL A 120 -6.55 -3.29 4.89
CA VAL A 120 -7.91 -3.83 4.79
C VAL A 120 -8.92 -3.06 5.61
N GLY A 121 -8.51 -2.18 6.51
CA GLY A 121 -9.49 -1.48 7.36
C GLY A 121 -10.22 -0.47 6.51
N GLY A 122 -11.51 -0.66 6.25
CA GLY A 122 -12.21 0.06 5.22
C GLY A 122 -12.76 -0.79 4.13
N VAL A 123 -12.40 -2.05 4.09
CA VAL A 123 -12.95 -2.94 3.09
C VAL A 123 -14.47 -3.04 3.16
N ASP A 124 -15.05 -3.03 4.37
CA ASP A 124 -16.53 -3.07 4.48
C ASP A 124 -17.14 -1.83 3.84
N VAL A 125 -16.55 -0.64 4.07
CA VAL A 125 -16.99 0.58 3.40
C VAL A 125 -16.92 0.43 1.91
N LEU A 126 -15.83 -0.11 1.40
CA LEU A 126 -15.69 -0.31 -0.04
C LEU A 126 -16.78 -1.22 -0.58
N ARG A 127 -17.01 -2.31 0.12
N ARG A 127 -16.96 -2.37 0.07
CA ARG A 127 -17.97 -3.29 -0.32
CA ARG A 127 -17.95 -3.30 -0.42
C ARG A 127 -19.38 -2.72 -0.33
C ARG A 127 -19.37 -2.73 -0.37
N ALA A 128 -19.73 -1.88 0.61
CA ALA A 128 -21.03 -1.15 0.62
C ALA A 128 -21.15 -0.01 -0.40
N ALA A 129 -20.06 0.40 -0.97
CA ALA A 129 -20.03 1.33 -2.05
C ALA A 129 -19.96 0.60 -3.38
N GLY A 130 -20.15 -0.72 -3.39
CA GLY A 130 -20.15 -1.49 -4.62
C GLY A 130 -18.77 -1.80 -5.21
N VAL A 131 -17.68 -1.62 -4.50
CA VAL A 131 -16.34 -1.95 -4.96
C VAL A 131 -16.11 -3.43 -4.70
N ALA A 132 -15.63 -4.14 -5.71
CA ALA A 132 -15.24 -5.53 -5.54
C ALA A 132 -13.87 -5.55 -4.91
N THR A 133 -13.73 -6.27 -3.79
CA THR A 133 -12.50 -6.28 -3.00
C THR A 133 -11.82 -7.63 -3.12
N TYR A 134 -10.49 -7.57 -3.26
CA TYR A 134 -9.65 -8.73 -3.55
C TYR A 134 -8.42 -8.74 -2.63
N ALA A 135 -7.93 -9.96 -2.37
CA ALA A 135 -6.64 -10.14 -1.70
C ALA A 135 -6.24 -11.59 -1.92
N SER A 136 -4.98 -11.90 -1.67
CA SER A 136 -4.55 -13.30 -1.77
C SER A 136 -5.27 -14.14 -0.72
N PRO A 137 -5.30 -15.46 -0.91
CA PRO A 137 -5.88 -16.30 0.12
C PRO A 137 -5.11 -16.23 1.42
N SER A 138 -3.80 -16.06 1.36
N SER A 138 -3.78 -16.00 1.37
CA SER A 138 -3.00 -15.88 2.55
CA SER A 138 -3.00 -15.87 2.59
C SER A 138 -3.47 -14.67 3.34
C SER A 138 -3.42 -14.62 3.36
N THR A 139 -3.60 -13.53 2.65
CA THR A 139 -4.07 -12.30 3.29
C THR A 139 -5.44 -12.48 3.87
N ARG A 140 -6.36 -13.14 3.14
CA ARG A 140 -7.70 -13.32 3.66
C ARG A 140 -7.72 -14.18 4.94
N ARG A 141 -6.89 -15.21 4.98
N ARG A 141 -6.95 -15.25 4.96
CA ARG A 141 -6.82 -16.08 6.17
CA ARG A 141 -6.84 -16.07 6.18
C ARG A 141 -6.22 -15.35 7.35
C ARG A 141 -6.29 -15.25 7.33
N LEU A 142 -5.21 -14.50 7.12
CA LEU A 142 -4.61 -13.74 8.20
C LEU A 142 -5.54 -12.65 8.69
N ALA A 143 -6.24 -12.00 7.78
CA ALA A 143 -7.17 -10.97 8.19
C ALA A 143 -8.25 -11.58 9.05
N GLU A 144 -8.82 -12.72 8.62
CA GLU A 144 -9.87 -13.38 9.40
C GLU A 144 -9.36 -13.73 10.79
N ALA A 145 -8.15 -14.30 10.88
CA ALA A 145 -7.62 -14.68 12.19
C ALA A 145 -7.35 -13.48 13.09
N GLU A 146 -7.05 -12.32 12.52
CA GLU A 146 -6.72 -11.11 13.27
C GLU A 146 -7.97 -10.40 13.74
N GLY A 147 -9.12 -10.70 13.15
CA GLY A 147 -10.33 -9.91 13.38
C GLY A 147 -10.38 -8.65 12.53
N ASN A 148 -9.67 -8.65 11.41
CA ASN A 148 -9.70 -7.51 10.52
C ASN A 148 -10.73 -7.77 9.43
N GLU A 149 -11.06 -6.74 8.71
CA GLU A 149 -12.01 -6.87 7.59
C GLU A 149 -11.42 -7.71 6.49
N ILE A 150 -12.28 -8.44 5.79
CA ILE A 150 -11.82 -9.49 4.91
C ILE A 150 -12.25 -9.17 3.50
N PRO A 151 -11.33 -8.96 2.56
CA PRO A 151 -11.70 -8.80 1.14
C PRO A 151 -12.53 -9.98 0.64
N THR A 152 -13.42 -9.73 -0.30
CA THR A 152 -14.36 -10.77 -0.77
C THR A 152 -13.70 -11.85 -1.60
N HIS A 153 -12.87 -11.47 -2.53
CA HIS A 153 -12.41 -12.35 -3.58
C HIS A 153 -10.96 -12.73 -3.39
N SER A 154 -10.61 -13.94 -3.72
CA SER A 154 -9.26 -14.49 -3.54
C SER A 154 -8.46 -14.40 -4.82
N LEU A 155 -7.22 -13.94 -4.70
CA LEU A 155 -6.27 -13.82 -5.79
C LEU A 155 -5.32 -15.02 -5.82
N GLU A 156 -5.60 -15.96 -6.70
CA GLU A 156 -4.76 -17.15 -6.85
C GLU A 156 -3.53 -16.78 -7.68
N GLY A 157 -2.60 -17.72 -7.76
CA GLY A 157 -1.46 -17.52 -8.58
C GLY A 157 -0.32 -16.75 -7.98
N LEU A 158 -0.40 -16.47 -6.66
CA LEU A 158 0.55 -15.63 -5.93
C LEU A 158 1.17 -16.34 -4.71
N SER A 159 1.05 -17.65 -4.62
CA SER A 159 1.43 -18.33 -3.41
C SER A 159 2.90 -18.65 -3.27
N SER A 160 3.67 -18.57 -4.36
N SER A 160 3.66 -18.61 -4.35
CA SER A 160 5.11 -18.86 -4.33
CA SER A 160 5.09 -18.95 -4.35
C SER A 160 5.90 -17.59 -4.60
C SER A 160 5.91 -17.71 -4.60
N SER A 161 6.96 -17.35 -3.85
N SER A 161 7.05 -17.58 -3.94
CA SER A 161 7.77 -16.16 -4.07
CA SER A 161 7.88 -16.37 -4.09
C SER A 161 8.28 -16.12 -5.51
C SER A 161 8.27 -16.20 -5.56
N GLY A 162 8.18 -14.96 -6.09
CA GLY A 162 8.44 -14.69 -7.49
C GLY A 162 7.25 -14.80 -8.38
N ASP A 163 6.09 -15.23 -7.85
CA ASP A 163 4.89 -15.28 -8.63
C ASP A 163 4.39 -13.89 -8.99
N ALA A 164 3.77 -13.79 -10.18
CA ALA A 164 3.18 -12.56 -10.65
C ALA A 164 1.92 -12.87 -11.42
N VAL A 165 0.96 -11.99 -11.32
CA VAL A 165 -0.28 -12.08 -12.07
C VAL A 165 -0.69 -10.68 -12.50
N ARG A 166 -1.43 -10.60 -13.59
CA ARG A 166 -2.02 -9.35 -14.03
C ARG A 166 -3.37 -9.09 -13.37
N PHE A 167 -3.63 -7.80 -13.08
CA PHE A 167 -4.89 -7.41 -12.49
C PHE A 167 -5.21 -6.02 -13.05
N GLY A 168 -6.04 -5.96 -14.08
CA GLY A 168 -6.29 -4.68 -14.70
C GLY A 168 -5.00 -4.06 -15.19
N PRO A 169 -4.79 -2.78 -14.89
CA PRO A 169 -3.61 -2.08 -15.38
C PRO A 169 -2.33 -2.30 -14.54
N VAL A 170 -2.34 -3.24 -13.62
CA VAL A 170 -1.14 -3.50 -12.81
C VAL A 170 -0.73 -4.96 -12.92
N GLU A 171 0.48 -5.22 -12.43
CA GLU A 171 0.98 -6.54 -12.13
C GLU A 171 1.09 -6.63 -10.62
N LEU A 172 0.63 -7.74 -10.07
CA LEU A 172 0.78 -8.08 -8.68
C LEU A 172 1.92 -9.06 -8.57
N PHE A 173 2.78 -8.89 -7.57
CA PHE A 173 3.98 -9.71 -7.42
C PHE A 173 4.14 -10.10 -5.97
N TYR A 174 4.39 -11.38 -5.69
CA TYR A 174 4.64 -11.83 -4.34
C TYR A 174 6.14 -12.03 -4.18
N PRO A 175 6.83 -11.19 -3.39
CA PRO A 175 8.30 -11.26 -3.36
C PRO A 175 8.81 -12.23 -2.34
N GLY A 176 7.94 -12.83 -1.53
CA GLY A 176 8.36 -13.56 -0.36
C GLY A 176 8.07 -12.76 0.93
N ALA A 177 8.26 -13.42 2.05
CA ALA A 177 7.99 -12.82 3.36
C ALA A 177 8.92 -11.65 3.62
N ALA A 178 8.36 -10.59 4.17
CA ALA A 178 9.15 -9.38 4.44
C ALA A 178 8.53 -8.69 5.66
N HIS A 179 7.84 -7.56 5.42
CA HIS A 179 7.04 -6.94 6.47
C HIS A 179 5.99 -7.86 7.05
N SER A 180 5.42 -8.69 6.20
CA SER A 180 4.47 -9.72 6.60
C SER A 180 4.70 -10.92 5.66
N THR A 181 4.13 -12.08 6.00
N THR A 181 4.12 -12.08 6.04
CA THR A 181 4.35 -13.23 5.15
CA THR A 181 4.30 -13.28 5.24
C THR A 181 3.57 -13.13 3.86
C THR A 181 3.48 -13.25 3.95
N ASP A 182 2.51 -12.34 3.86
CA ASP A 182 1.58 -12.26 2.73
C ASP A 182 1.80 -11.02 1.88
N ASN A 183 2.77 -10.16 2.19
CA ASN A 183 2.83 -8.90 1.47
C ASN A 183 3.03 -9.04 -0.02
N LEU A 184 2.24 -8.26 -0.76
CA LEU A 184 2.31 -8.14 -2.21
C LEU A 184 2.87 -6.79 -2.60
N VAL A 185 3.44 -6.75 -3.79
N VAL A 185 3.58 -6.74 -3.73
CA VAL A 185 3.97 -5.54 -4.41
CA VAL A 185 3.92 -5.47 -4.34
C VAL A 185 3.21 -5.35 -5.71
C VAL A 185 3.17 -5.34 -5.66
N VAL A 186 3.05 -4.09 -6.15
CA VAL A 186 2.26 -3.74 -7.30
C VAL A 186 3.08 -2.92 -8.26
N TYR A 187 3.10 -3.31 -9.54
CA TYR A 187 3.83 -2.57 -10.55
C TYR A 187 2.84 -2.06 -11.58
N VAL A 188 3.02 -0.80 -11.98
CA VAL A 188 2.19 -0.18 -13.02
C VAL A 188 3.10 -0.08 -14.24
N PRO A 189 2.98 -1.00 -15.21
CA PRO A 189 3.97 -1.03 -16.30
C PRO A 189 3.90 0.19 -17.19
N SER A 190 2.74 0.80 -17.37
CA SER A 190 2.63 1.93 -18.27
C SER A 190 3.46 3.11 -17.77
N ALA A 191 3.74 3.18 -16.45
CA ALA A 191 4.41 4.28 -15.86
C ALA A 191 5.68 3.92 -15.13
N ASN A 192 6.07 2.67 -15.09
CA ASN A 192 7.20 2.17 -14.34
C ASN A 192 7.15 2.57 -12.87
N VAL A 193 5.96 2.48 -12.30
CA VAL A 193 5.73 2.79 -10.90
C VAL A 193 5.69 1.48 -10.10
N LEU A 194 6.54 1.42 -9.09
CA LEU A 194 6.60 0.28 -8.18
C LEU A 194 6.02 0.71 -6.83
N TYR A 195 4.88 0.15 -6.49
CA TYR A 195 4.26 0.35 -5.20
C TYR A 195 4.67 -0.82 -4.31
N GLY A 196 5.59 -0.50 -3.39
CA GLY A 196 6.15 -1.54 -2.53
C GLY A 196 5.29 -1.92 -1.37
N GLY A 197 4.35 -1.07 -1.01
CA GLY A 197 3.61 -1.27 0.20
C GLY A 197 4.51 -1.37 1.39
N CYS A 198 4.07 -2.05 2.44
CA CYS A 198 4.80 -2.00 3.70
C CYS A 198 6.08 -2.80 3.74
N ALA A 199 6.36 -3.58 2.71
CA ALA A 199 7.66 -4.18 2.50
C ALA A 199 8.76 -3.18 2.15
N VAL A 200 8.41 -1.94 1.81
CA VAL A 200 9.40 -0.94 1.43
C VAL A 200 9.22 0.27 2.32
N HIS A 201 10.33 0.81 2.82
N HIS A 201 10.34 0.74 2.92
CA HIS A 201 10.33 1.97 3.68
CA HIS A 201 10.45 1.92 3.76
C HIS A 201 10.87 3.18 2.96
C HIS A 201 10.85 3.14 2.96
N GLU A 202 10.44 4.32 3.46
CA GLU A 202 10.91 5.59 2.88
C GLU A 202 12.38 5.84 3.23
N LEU A 203 12.99 6.68 2.44
CA LEU A 203 14.44 6.95 2.64
C LEU A 203 14.78 7.55 3.99
N SER A 204 13.90 8.35 4.57
CA SER A 204 14.21 8.97 5.86
C SER A 204 14.03 8.03 7.01
N SER A 205 13.47 6.86 6.81
N SER A 205 13.47 6.82 6.80
CA SER A 205 13.19 5.97 7.92
CA SER A 205 13.22 5.83 7.86
C SER A 205 14.50 5.54 8.59
C SER A 205 14.51 5.48 8.59
N THR A 206 14.40 5.38 9.91
CA THR A 206 15.48 4.92 10.79
C THR A 206 15.15 3.62 11.52
N SER A 207 13.98 3.08 11.30
CA SER A 207 13.67 1.79 11.88
C SER A 207 12.80 1.06 10.87
N ALA A 208 12.65 -0.16 11.12
CA ALA A 208 11.91 -1.04 10.29
C ALA A 208 10.43 -0.97 10.56
N GLY A 209 9.88 0.06 11.23
CA GLY A 209 8.43 0.20 11.32
C GLY A 209 7.83 -0.83 12.27
N ASN A 210 6.61 -1.27 11.96
CA ASN A 210 5.89 -2.21 12.83
C ASN A 210 6.24 -3.61 12.33
N VAL A 211 7.14 -4.27 13.08
CA VAL A 211 7.72 -5.54 12.68
C VAL A 211 7.07 -6.73 13.34
N ALA A 212 5.93 -6.53 13.95
CA ALA A 212 5.38 -7.59 14.75
C ALA A 212 5.14 -8.86 13.95
N ASP A 213 4.80 -8.73 12.67
CA ASP A 213 4.47 -9.85 11.82
C ASP A 213 5.51 -10.09 10.72
N ALA A 214 6.69 -9.51 10.88
CA ALA A 214 7.70 -9.54 9.87
C ALA A 214 8.57 -10.77 9.94
N ASP A 215 9.30 -11.02 8.85
CA ASP A 215 10.36 -12.02 8.81
C ASP A 215 11.66 -11.26 8.48
N LEU A 216 12.40 -10.83 9.54
CA LEU A 216 13.54 -9.95 9.32
C LEU A 216 14.64 -10.68 8.54
N ALA A 217 14.75 -11.99 8.72
CA ALA A 217 15.76 -12.81 8.04
C ALA A 217 15.48 -12.88 6.56
N GLU A 218 14.21 -13.07 6.16
CA GLU A 218 13.85 -13.25 4.76
C GLU A 218 13.71 -11.93 4.03
N TRP A 219 13.40 -10.86 4.76
CA TRP A 219 13.11 -9.56 4.17
C TRP A 219 14.15 -9.12 3.15
N PRO A 220 15.45 -9.16 3.43
N PRO A 220 15.46 -9.14 3.44
CA PRO A 220 16.41 -8.70 2.41
CA PRO A 220 16.42 -8.70 2.39
C PRO A 220 16.37 -9.57 1.16
C PRO A 220 16.31 -9.55 1.14
N THR A 221 16.13 -10.86 1.29
CA THR A 221 16.03 -11.75 0.13
C THR A 221 14.81 -11.37 -0.70
N SER A 222 13.69 -11.07 -0.04
CA SER A 222 12.48 -10.62 -0.75
C SER A 222 12.68 -9.29 -1.45
N VAL A 223 13.41 -8.37 -0.82
CA VAL A 223 13.74 -7.12 -1.49
C VAL A 223 14.62 -7.34 -2.71
N GLU A 224 15.64 -8.21 -2.58
N GLU A 224 15.60 -8.25 -2.59
CA GLU A 224 16.49 -8.58 -3.70
CA GLU A 224 16.45 -8.54 -3.72
C GLU A 224 15.64 -9.11 -4.87
C GLU A 224 15.61 -9.06 -4.89
N ARG A 225 14.58 -9.88 -4.58
CA ARG A 225 13.71 -10.35 -5.64
C ARG A 225 12.98 -9.21 -6.35
N ILE A 226 12.51 -8.24 -5.57
CA ILE A 226 11.85 -7.08 -6.16
C ILE A 226 12.83 -6.36 -7.08
N GLN A 227 14.05 -6.11 -6.56
CA GLN A 227 15.05 -5.41 -7.34
C GLN A 227 15.33 -6.11 -8.67
N LYS A 228 15.43 -7.42 -8.64
CA LYS A 228 15.69 -8.20 -9.84
C LYS A 228 14.53 -8.16 -10.83
N HIS A 229 13.33 -8.17 -10.29
CA HIS A 229 12.15 -8.26 -11.14
C HIS A 229 11.78 -6.91 -11.77
N TYR A 230 12.07 -5.80 -11.11
CA TYR A 230 11.62 -4.48 -11.53
C TYR A 230 12.79 -3.51 -11.64
N PRO A 231 13.79 -3.82 -12.47
CA PRO A 231 14.97 -2.96 -12.55
C PRO A 231 14.70 -1.63 -13.23
N GLU A 232 13.58 -1.49 -13.93
N GLU A 232 13.61 -1.47 -13.97
CA GLU A 232 13.25 -0.26 -14.66
CA GLU A 232 13.28 -0.22 -14.66
C GLU A 232 12.31 0.63 -13.89
C GLU A 232 12.35 0.66 -13.87
N ALA A 233 12.05 0.33 -12.62
CA ALA A 233 11.15 1.16 -11.85
C ALA A 233 11.72 2.58 -11.76
N GLU A 234 10.86 3.56 -11.97
CA GLU A 234 11.24 4.96 -11.87
C GLU A 234 10.80 5.62 -10.58
N VAL A 235 9.70 5.24 -10.05
CA VAL A 235 9.16 5.73 -8.80
C VAL A 235 8.88 4.49 -7.95
N VAL A 236 9.29 4.57 -6.70
CA VAL A 236 9.04 3.56 -5.69
C VAL A 236 8.25 4.20 -4.57
N ILE A 237 7.11 3.60 -4.22
CA ILE A 237 6.22 4.15 -3.21
C ILE A 237 6.19 3.19 -2.02
N PRO A 238 6.53 3.69 -0.83
CA PRO A 238 6.50 2.87 0.38
C PRO A 238 5.07 2.82 0.92
N GLY A 239 4.84 1.91 1.86
CA GLY A 239 3.57 1.83 2.53
C GLY A 239 3.25 3.01 3.42
N HIS A 240 4.30 3.64 3.92
CA HIS A 240 4.20 4.82 4.80
C HIS A 240 5.32 5.76 4.41
N GLY A 241 5.01 7.02 4.19
CA GLY A 241 6.02 8.04 3.93
C GLY A 241 6.20 8.36 2.45
N LEU A 242 7.32 9.00 2.16
CA LEU A 242 7.53 9.68 0.88
C LEU A 242 7.99 8.73 -0.21
N PRO A 243 7.43 8.82 -1.42
CA PRO A 243 7.99 8.11 -2.59
C PRO A 243 9.36 8.63 -2.94
N GLY A 244 10.13 7.77 -3.62
CA GLY A 244 11.44 8.11 -4.15
C GLY A 244 11.74 7.24 -5.34
N GLY A 245 13.01 6.93 -5.54
CA GLY A 245 13.45 6.08 -6.62
C GLY A 245 13.83 4.67 -6.11
N LEU A 246 14.62 3.98 -6.92
CA LEU A 246 15.00 2.61 -6.61
C LEU A 246 15.77 2.51 -5.29
N ASP A 247 16.43 3.59 -4.86
CA ASP A 247 17.20 3.55 -3.62
C ASP A 247 16.38 3.16 -2.41
N LEU A 248 15.05 3.33 -2.44
CA LEU A 248 14.24 2.92 -1.33
C LEU A 248 14.41 1.43 -1.08
N LEU A 249 14.66 0.65 -2.12
CA LEU A 249 14.81 -0.79 -1.93
C LEU A 249 16.04 -1.15 -1.10
N GLN A 250 17.21 -0.69 -1.52
CA GLN A 250 18.41 -0.97 -0.77
C GLN A 250 18.34 -0.37 0.63
N HIS A 251 17.77 0.82 0.76
CA HIS A 251 17.62 1.46 2.07
C HIS A 251 16.80 0.56 2.97
N THR A 252 15.71 0.01 2.44
CA THR A 252 14.86 -0.88 3.23
C THR A 252 15.66 -2.09 3.76
N ALA A 253 16.43 -2.74 2.87
CA ALA A 253 17.24 -3.85 3.31
C ALA A 253 18.18 -3.41 4.42
N ASN A 254 18.79 -2.23 4.28
CA ASN A 254 19.72 -1.73 5.29
C ASN A 254 19.04 -1.51 6.64
N VAL A 255 17.86 -0.87 6.66
CA VAL A 255 17.18 -0.58 7.92
C VAL A 255 16.74 -1.86 8.58
N VAL A 256 16.32 -2.83 7.78
CA VAL A 256 15.84 -4.08 8.37
C VAL A 256 16.99 -4.81 8.99
N LYS A 257 18.15 -4.84 8.29
CA LYS A 257 19.32 -5.60 8.80
C LYS A 257 19.77 -4.98 10.10
N ALA A 258 19.69 -3.68 10.21
CA ALA A 258 20.15 -3.08 11.44
C ALA A 258 19.15 -3.26 12.58
N HIS A 259 17.86 -3.32 12.26
CA HIS A 259 16.86 -3.61 13.28
C HIS A 259 17.08 -5.01 13.82
N LYS A 260 17.24 -5.99 12.91
CA LYS A 260 17.47 -7.39 13.29
C LYS A 260 18.70 -7.52 14.19
N ASN A 261 19.68 -6.65 14.02
CA ASN A 261 20.88 -6.62 14.86
C ASN A 261 20.85 -5.46 15.86
ZN ZN B . 1.53 -4.03 7.84
ZN ZN C . 2.03 -0.64 7.02
C11 XB4 D . 3.67 0.91 11.02
C12 XB4 D . 3.46 -0.08 10.05
C13 XB4 D . 4.41 -0.52 8.97
C10 XB4 D . 4.78 1.85 11.15
C01 XB4 D . 5.10 0.70 15.64
C02 XB4 D . 5.76 1.60 14.64
C04 XB4 D . 5.47 2.12 12.29
C06 XB4 D . 6.83 3.66 11.33
C07 XB4 D . 6.15 3.49 10.13
C09 XB4 D . 5.17 2.58 10.02
C17 XB4 D . 1.68 -0.20 11.34
C18 XB4 D . 0.47 -0.59 11.92
C19 XB4 D . -0.40 -1.71 11.37
C20 XB4 D . -1.86 -1.34 11.29
C21 XB4 D . -0.15 -3.03 12.12
C22 XB4 D . 0.10 0.09 13.07
C23 XB4 D . 0.90 1.13 13.62
C24 XB4 D . 2.12 1.50 13.02
C25 XB4 D . 2.51 0.81 11.86
F08 XB4 D . 6.59 4.19 9.05
N05 XB4 D . 6.45 2.97 12.41
N16 XB4 D . 2.29 -0.72 10.22
O03 XB4 D . 5.13 1.36 13.39
O14 XB4 D . 3.95 -0.99 7.89
O15 XB4 D . 5.64 -0.50 9.27
H012 XB4 D . 5.70 0.65 16.54
H011 XB4 D . 4.99 -0.30 15.21
H013 XB4 D . 4.11 1.09 15.88
H021 XB4 D . 5.63 2.64 14.92
H022 XB4 D . 6.82 1.37 14.58
H061 XB4 D . 7.68 4.33 11.38
H091 XB4 D . 4.68 2.43 9.05
H191 XB4 D . -0.11 -1.87 10.34
H202 XB4 D . -2.37 -1.68 12.18
H201 XB4 D . -2.30 -1.80 10.41
H203 XB4 D . -1.95 -0.26 11.22
H213 XB4 D . -0.78 -3.08 13.00
H211 XB4 D . 0.90 -3.08 12.42
H212 XB4 D . -0.38 -3.86 11.47
H221 XB4 D . -0.83 -0.16 13.57
H231 XB4 D . 0.58 1.66 14.51
H241 XB4 D . 2.74 2.28 13.44
H161 XB4 D . 1.92 -1.45 9.63
#